data_8ZVC
#
_entry.id   8ZVC
#
_cell.length_a   66.779
_cell.length_b   79.153
_cell.length_c   89.988
_cell.angle_alpha   90.00
_cell.angle_beta   90.00
_cell.angle_gamma   90.00
#
_symmetry.space_group_name_H-M   'P 21 21 21'
#
loop_
_entity.id
_entity.type
_entity.pdbx_description
1 polymer ShosT
2 non-polymer 1-O-pyrophosphono-5-O-phosphono-alpha-D-ribofuranose
3 non-polymer '2-(N-MORPHOLINO)-ETHANESULFONIC ACID'
4 non-polymer GLYCEROL
5 non-polymer 'MAGNESIUM ION'
6 non-polymer 'SULFATE ION'
7 water water
#
_entity_poly.entity_id   1
_entity_poly.type   'polypeptide(L)'
_entity_poly.pdbx_seq_one_letter_code
;GASGSMNNMYLKAVIFSIADVVLPLTSNTQPQELKSRIDSELRKLFAFLSSKGIKVIFLTNKNRNVRTHDGIVTLDEYLK
RKFPESIHFCRELDNNIPAKQTGKAIDFIMAALELKRNEMIYVGRSQEDLQAATNGNTLFINATWYEPVTEYGFQFSEPK
EIARFIDVFCLREQLWGWQGHFNEDVHYYALAPFSTYVPEFTMYSANARDLAKLSVGSPDFWIRYLGASIYFSGLSEGAS
FITTYVGHNAEDPYKLANIMEHDLKGLAVSFKGKYLKDLFLRHTTAIKSQQARIAKQEVNITSQINTVNLNPAPIKNLIT
GERYTNPPKLKGKKILVIDDFCTEGNAHETARMYLKAAGANVINISWLKTINRDVSICEPTRKIRPWEANTLDVDDINYV
GTIGYAENVTHGSAPQVLSEKIQQYDNWDWPQ
;
_entity_poly.pdbx_strand_id   A
#
# COMPACT_ATOMS: atom_id res chain seq x y z
N MET A 9 -16.28 -12.50 -1.44
N MET A 9 -16.30 -12.47 -1.51
CA MET A 9 -15.55 -11.27 -1.85
CA MET A 9 -15.53 -11.26 -1.90
C MET A 9 -14.47 -10.93 -0.82
C MET A 9 -14.48 -10.92 -0.83
N TYR A 10 -13.72 -9.84 -1.06
CA TYR A 10 -12.69 -9.44 -0.12
C TYR A 10 -13.21 -8.45 0.92
N LEU A 11 -13.94 -7.43 0.48
CA LEU A 11 -14.39 -6.35 1.32
C LEU A 11 -15.86 -6.56 1.63
N LYS A 12 -16.19 -6.71 2.92
CA LYS A 12 -17.55 -6.97 3.34
C LYS A 12 -18.15 -5.86 4.19
N ALA A 13 -17.34 -4.99 4.78
CA ALA A 13 -17.87 -3.87 5.55
C ALA A 13 -16.87 -2.74 5.56
N VAL A 14 -17.37 -1.51 5.57
CA VAL A 14 -16.54 -0.31 5.71
C VAL A 14 -16.98 0.39 6.99
N ILE A 15 -16.03 0.59 7.89
CA ILE A 15 -16.26 1.31 9.12
C ILE A 15 -15.98 2.78 8.84
N PHE A 16 -16.88 3.65 9.27
CA PHE A 16 -16.72 5.09 9.19
C PHE A 16 -16.76 5.69 10.59
N SER A 17 -15.76 6.47 10.95
CA SER A 17 -15.93 7.38 12.08
C SER A 17 -16.75 8.59 11.63
N ILE A 18 -17.11 9.45 12.58
CA ILE A 18 -17.99 10.59 12.28
C ILE A 18 -17.22 11.90 12.19
N ALA A 19 -16.35 12.17 13.17
CA ALA A 19 -15.64 13.45 13.25
C ALA A 19 -14.82 13.69 12.00
N ASP A 20 -15.09 14.82 11.33
CA ASP A 20 -14.41 15.24 10.11
C ASP A 20 -14.55 14.22 8.99
N VAL A 21 -15.57 13.37 9.05
CA VAL A 21 -15.87 12.41 8.00
C VAL A 21 -17.34 12.65 7.60
N VAL A 22 -18.25 12.41 8.54
CA VAL A 22 -19.67 12.59 8.30
C VAL A 22 -20.13 13.95 8.81
N LEU A 23 -19.53 14.40 9.92
CA LEU A 23 -19.84 15.73 10.46
C LEU A 23 -18.54 16.42 10.84
N PRO A 24 -18.34 17.67 10.41
CA PRO A 24 -17.10 18.36 10.80
C PRO A 24 -17.04 18.59 12.31
N LEU A 25 -15.83 18.50 12.84
CA LEU A 25 -15.54 18.80 14.24
C LEU A 25 -14.49 19.88 14.41
N THR A 26 -13.42 19.82 13.63
CA THR A 26 -12.30 20.73 13.83
C THR A 26 -12.67 22.17 13.58
N SER A 27 -13.63 22.41 12.68
CA SER A 27 -13.93 23.76 12.23
C SER A 27 -15.40 24.08 12.45
N ASN A 28 -15.63 25.32 12.92
CA ASN A 28 -16.97 25.91 13.01
C ASN A 28 -17.54 26.29 11.66
N THR A 29 -16.67 26.47 10.66
CA THR A 29 -16.95 27.36 9.53
C THR A 29 -17.09 26.63 8.20
N GLN A 30 -17.26 25.31 8.20
CA GLN A 30 -17.41 24.62 6.94
C GLN A 30 -18.59 25.24 6.19
N PRO A 31 -18.42 25.64 4.93
CA PRO A 31 -19.55 26.21 4.19
C PRO A 31 -20.69 25.23 4.09
N GLN A 32 -21.92 25.74 4.14
CA GLN A 32 -23.07 24.86 4.01
C GLN A 32 -23.02 24.10 2.69
N GLU A 33 -22.49 24.72 1.64
CA GLU A 33 -22.38 24.04 0.37
C GLU A 33 -21.50 22.80 0.47
N LEU A 34 -20.45 22.86 1.30
CA LEU A 34 -19.58 21.70 1.46
C LEU A 34 -20.30 20.57 2.20
N LYS A 35 -20.95 20.90 3.32
CA LYS A 35 -21.67 19.88 4.07
C LYS A 35 -22.75 19.23 3.22
N SER A 36 -23.49 20.04 2.44
CA SER A 36 -24.50 19.48 1.56
C SER A 36 -23.87 18.58 0.49
N ARG A 37 -22.76 19.03 -0.09
CA ARG A 37 -22.10 18.21 -1.12
C ARG A 37 -21.55 16.93 -0.51
N ILE A 38 -20.91 17.02 0.65
CA ILE A 38 -20.38 15.82 1.28
C ILE A 38 -21.52 14.87 1.66
N ASP A 39 -22.61 15.40 2.23
CA ASP A 39 -23.75 14.55 2.55
C ASP A 39 -24.24 13.81 1.30
N SER A 40 -24.36 14.53 0.19
CA SER A 40 -24.85 13.89 -1.04
C SER A 40 -23.86 12.86 -1.57
N GLU A 41 -22.56 13.15 -1.48
CA GLU A 41 -21.56 12.21 -1.96
C GLU A 41 -21.47 11.00 -1.03
N LEU A 42 -21.66 11.18 0.27
CA LEU A 42 -21.73 10.04 1.18
C LEU A 42 -22.96 9.17 0.87
N ARG A 43 -24.10 9.80 0.58
CA ARG A 43 -25.27 9.04 0.17
C ARG A 43 -24.94 8.14 -1.02
N LYS A 44 -24.27 8.70 -2.04
CA LYS A 44 -23.88 7.91 -3.20
C LYS A 44 -22.96 6.76 -2.80
N LEU A 45 -21.96 7.07 -1.95
CA LEU A 45 -21.03 6.03 -1.53
C LEU A 45 -21.75 4.90 -0.83
N PHE A 46 -22.65 5.23 0.10
CA PHE A 46 -23.31 4.18 0.87
C PHE A 46 -24.23 3.35 -0.03
N ALA A 47 -24.91 3.99 -0.98
CA ALA A 47 -25.74 3.26 -1.92
C ALA A 47 -24.90 2.34 -2.80
N PHE A 48 -23.74 2.84 -3.25
CA PHE A 48 -22.78 2.01 -3.97
C PHE A 48 -22.36 0.80 -3.15
N LEU A 49 -21.98 1.02 -1.89
CA LEU A 49 -21.58 -0.10 -1.05
C LEU A 49 -22.74 -1.08 -0.86
N SER A 50 -23.92 -0.56 -0.58
CA SER A 50 -25.09 -1.44 -0.41
C SER A 50 -25.34 -2.27 -1.66
N SER A 51 -25.23 -1.65 -2.84
CA SER A 51 -25.46 -2.40 -4.08
C SER A 51 -24.46 -3.54 -4.23
N LYS A 52 -23.28 -3.41 -3.64
CA LYS A 52 -22.25 -4.44 -3.72
C LYS A 52 -22.31 -5.41 -2.56
N GLY A 53 -23.31 -5.29 -1.69
CA GLY A 53 -23.41 -6.14 -0.53
C GLY A 53 -22.41 -5.83 0.56
N ILE A 54 -21.91 -4.59 0.60
CA ILE A 54 -20.92 -4.17 1.60
C ILE A 54 -21.64 -3.35 2.66
N LYS A 55 -21.47 -3.74 3.92
CA LYS A 55 -22.15 -3.09 5.01
C LYS A 55 -21.49 -1.76 5.34
N VAL A 56 -22.31 -0.82 5.82
CA VAL A 56 -21.88 0.51 6.26
C VAL A 56 -21.98 0.57 7.78
N ILE A 57 -20.85 0.81 8.43
CA ILE A 57 -20.77 0.81 9.89
C ILE A 57 -20.31 2.18 10.34
N PHE A 58 -20.94 2.69 11.41
CA PHE A 58 -20.50 3.91 12.08
C PHE A 58 -19.99 3.53 13.46
N LEU A 59 -18.83 4.08 13.83
CA LEU A 59 -18.20 3.76 15.11
C LEU A 59 -17.93 5.06 15.87
N THR A 60 -18.59 5.21 17.02
CA THR A 60 -18.57 6.45 17.77
C THR A 60 -18.43 6.17 19.26
N ASN A 61 -18.05 7.22 19.98
CA ASN A 61 -17.97 7.16 21.44
C ASN A 61 -19.23 7.69 22.11
N LYS A 62 -19.76 8.82 21.62
CA LYS A 62 -20.83 9.56 22.29
C LYS A 62 -22.02 9.73 21.37
N ASN A 63 -23.22 9.65 21.95
CA ASN A 63 -24.47 9.90 21.22
C ASN A 63 -24.86 11.38 21.32
N ARG A 64 -23.95 12.22 20.81
CA ARG A 64 -24.08 13.66 20.94
C ARG A 64 -25.27 14.20 20.17
N ASN A 65 -25.83 15.30 20.69
CA ASN A 65 -26.89 16.00 19.97
C ASN A 65 -26.31 16.71 18.76
N VAL A 66 -27.05 16.67 17.65
CA VAL A 66 -26.68 17.28 16.38
C VAL A 66 -27.75 18.31 16.02
N ARG A 67 -27.33 19.52 15.69
CA ARG A 67 -28.26 20.58 15.34
C ARG A 67 -28.55 20.50 13.84
N THR A 68 -29.82 20.37 13.50
CA THR A 68 -30.32 20.30 12.13
C THR A 68 -31.10 21.58 11.84
N HIS A 69 -31.19 21.93 10.56
CA HIS A 69 -32.05 23.06 10.20
C HIS A 69 -33.49 22.81 10.63
N ASP A 70 -33.83 21.57 11.01
CA ASP A 70 -35.14 21.20 11.51
C ASP A 70 -35.24 21.20 13.03
N GLY A 71 -34.13 21.04 13.73
CA GLY A 71 -34.12 20.93 15.17
C GLY A 71 -32.91 20.14 15.64
N ILE A 72 -32.98 19.70 16.90
CA ILE A 72 -31.89 18.96 17.53
C ILE A 72 -32.30 17.50 17.64
N VAL A 73 -31.41 16.59 17.24
CA VAL A 73 -31.61 15.16 17.37
C VAL A 73 -30.33 14.55 17.92
N THR A 74 -30.43 13.32 18.42
CA THR A 74 -29.22 12.60 18.82
C THR A 74 -28.46 12.16 17.58
N LEU A 75 -27.17 11.90 17.75
CA LEU A 75 -26.35 11.41 16.65
C LEU A 75 -26.94 10.12 16.07
N ASP A 76 -27.38 9.21 16.94
CA ASP A 76 -27.96 7.96 16.45
C ASP A 76 -29.17 8.23 15.56
N GLU A 77 -30.06 9.12 15.98
CA GLU A 77 -31.24 9.41 15.16
C GLU A 77 -30.85 10.12 13.88
N TYR A 78 -29.87 11.02 13.97
CA TYR A 78 -29.36 11.71 12.78
C TYR A 78 -28.87 10.72 11.74
N LEU A 79 -28.01 9.78 12.15
CA LEU A 79 -27.44 8.84 11.19
C LEU A 79 -28.51 7.91 10.65
N LYS A 80 -29.45 7.48 11.51
CA LYS A 80 -30.53 6.59 11.07
C LYS A 80 -31.42 7.26 10.04
N ARG A 81 -31.63 8.57 10.16
CA ARG A 81 -32.50 9.29 9.23
C ARG A 81 -31.79 9.57 7.91
N LYS A 82 -30.54 10.03 7.98
CA LYS A 82 -29.84 10.45 6.77
C LYS A 82 -29.25 9.27 6.02
N PHE A 83 -28.82 8.24 6.74
CA PHE A 83 -28.13 7.10 6.16
C PHE A 83 -28.74 5.81 6.69
N PRO A 84 -30.02 5.57 6.39
CA PRO A 84 -30.66 4.36 6.90
C PRO A 84 -29.97 3.10 6.40
N GLU A 85 -30.13 2.02 7.16
CA GLU A 85 -29.53 0.71 6.89
C GLU A 85 -28.03 0.70 7.18
N SER A 86 -27.51 1.74 7.82
CA SER A 86 -26.19 1.66 8.43
C SER A 86 -26.30 1.01 9.81
N ILE A 87 -25.18 0.52 10.30
CA ILE A 87 -25.11 -0.08 11.63
C ILE A 87 -24.25 0.81 12.50
N HIS A 88 -24.83 1.34 13.57
CA HIS A 88 -24.15 2.31 14.43
C HIS A 88 -23.67 1.64 15.71
N PHE A 89 -22.34 1.56 15.87
CA PHE A 89 -21.69 1.10 17.11
C PHE A 89 -21.31 2.34 17.91
N CYS A 90 -22.08 2.63 18.97
CA CYS A 90 -21.89 3.82 19.79
C CYS A 90 -21.63 3.39 21.22
N ARG A 91 -20.43 3.72 21.74
CA ARG A 91 -20.08 3.24 23.07
C ARG A 91 -21.06 3.74 24.12
N GLU A 92 -21.57 4.95 23.96
CA GLU A 92 -22.50 5.47 24.96
C GLU A 92 -23.80 4.67 24.98
N LEU A 93 -24.21 4.15 23.83
CA LEU A 93 -25.47 3.43 23.72
C LEU A 93 -25.31 1.93 24.01
N ASP A 94 -24.09 1.41 23.96
CA ASP A 94 -23.84 0.00 24.22
C ASP A 94 -22.54 -0.10 25.01
N ASN A 95 -22.66 -0.29 26.33
CA ASN A 95 -21.48 -0.45 27.17
C ASN A 95 -20.67 -1.69 26.80
N ASN A 96 -21.21 -2.57 25.95
CA ASN A 96 -20.45 -3.74 25.49
C ASN A 96 -19.20 -3.31 24.72
N ILE A 97 -19.30 -2.23 23.96
CA ILE A 97 -18.29 -1.88 22.96
C ILE A 97 -17.01 -1.43 23.64
N PRO A 98 -15.88 -2.10 23.42
CA PRO A 98 -14.62 -1.63 24.04
C PRO A 98 -14.09 -0.39 23.32
N ALA A 99 -13.02 0.16 23.88
CA ALA A 99 -12.50 1.45 23.42
C ALA A 99 -12.04 1.40 21.97
N LYS A 100 -12.20 2.55 21.28
CA LYS A 100 -11.78 2.65 19.89
C LYS A 100 -10.26 2.70 19.77
N GLN A 101 -9.61 3.54 20.59
CA GLN A 101 -8.21 3.90 20.40
C GLN A 101 -7.31 2.67 20.39
N THR A 102 -7.63 1.67 21.22
CA THR A 102 -6.78 0.50 21.38
C THR A 102 -6.97 -0.53 20.28
N GLY A 103 -7.93 -0.33 19.39
CA GLY A 103 -8.25 -1.29 18.37
C GLY A 103 -9.26 -2.33 18.79
N LYS A 104 -9.61 -2.39 20.07
CA LYS A 104 -10.51 -3.43 20.57
C LYS A 104 -11.92 -3.29 19.99
N ALA A 105 -12.36 -2.07 19.71
CA ALA A 105 -13.69 -1.91 19.12
C ALA A 105 -13.77 -2.63 17.78
N ILE A 106 -12.65 -2.77 17.07
CA ILE A 106 -12.65 -3.49 15.80
C ILE A 106 -12.89 -4.98 16.03
N ASP A 107 -12.21 -5.55 17.02
CA ASP A 107 -12.45 -6.94 17.38
C ASP A 107 -13.93 -7.18 17.68
N PHE A 108 -14.54 -6.25 18.42
CA PHE A 108 -15.95 -6.34 18.76
C PHE A 108 -16.82 -6.30 17.51
N ILE A 109 -16.52 -5.38 16.58
CA ILE A 109 -17.29 -5.31 15.35
C ILE A 109 -17.11 -6.57 14.51
N MET A 110 -15.88 -7.08 14.43
CA MET A 110 -15.61 -8.32 13.72
C MET A 110 -16.51 -9.45 14.22
N ALA A 111 -16.59 -9.60 15.55
CA ALA A 111 -17.38 -10.68 16.13
C ALA A 111 -18.87 -10.45 15.91
N ALA A 112 -19.33 -9.20 16.06
CA ALA A 112 -20.75 -8.92 15.89
C ALA A 112 -21.22 -9.23 14.47
N LEU A 113 -20.39 -8.92 13.48
CA LEU A 113 -20.75 -9.12 12.09
C LEU A 113 -20.22 -10.43 11.53
N GLU A 114 -19.49 -11.22 12.32
CA GLU A 114 -18.91 -12.48 11.87
C GLU A 114 -18.05 -12.26 10.63
N LEU A 115 -17.14 -11.30 10.73
CA LEU A 115 -16.24 -10.95 9.64
C LEU A 115 -14.79 -11.08 10.09
N LYS A 116 -13.93 -11.42 9.14
CA LYS A 116 -12.50 -11.42 9.39
C LYS A 116 -11.95 -9.99 9.33
N ARG A 117 -10.77 -9.82 9.95
CA ARG A 117 -10.22 -8.48 10.11
C ARG A 117 -10.03 -7.78 8.77
N ASN A 118 -9.37 -8.46 7.82
CA ASN A 118 -9.10 -7.82 6.53
C ASN A 118 -10.26 -7.94 5.56
N GLU A 119 -11.47 -8.18 6.08
CA GLU A 119 -12.71 -8.02 5.34
C GLU A 119 -13.32 -6.65 5.61
N MET A 120 -12.63 -5.79 6.35
CA MET A 120 -13.10 -4.44 6.62
C MET A 120 -11.96 -3.45 6.40
N ILE A 121 -12.34 -2.21 6.07
CA ILE A 121 -11.45 -1.07 6.08
C ILE A 121 -12.12 0.00 6.93
N TYR A 122 -11.33 1.01 7.30
CA TYR A 122 -11.72 2.01 8.30
C TYR A 122 -11.47 3.40 7.75
N VAL A 123 -12.54 4.16 7.56
CA VAL A 123 -12.48 5.53 7.07
C VAL A 123 -12.53 6.46 8.26
N GLY A 124 -11.50 7.28 8.42
CA GLY A 124 -11.47 8.26 9.49
C GLY A 124 -10.57 9.43 9.17
N ARG A 125 -10.48 10.36 10.13
CA ARG A 125 -9.61 11.52 10.01
C ARG A 125 -8.93 11.86 11.33
N SER A 126 -9.67 11.79 12.44
CA SER A 126 -9.12 12.14 13.74
C SER A 126 -7.99 11.20 14.12
N GLN A 127 -7.08 11.70 14.96
CA GLN A 127 -5.95 10.88 15.39
C GLN A 127 -6.43 9.64 16.12
N GLU A 128 -7.48 9.77 16.93
CA GLU A 128 -8.01 8.60 17.62
C GLU A 128 -8.47 7.53 16.63
N ASP A 129 -9.00 7.94 15.48
CA ASP A 129 -9.48 6.98 14.50
C ASP A 129 -8.34 6.33 13.73
N LEU A 130 -7.29 7.10 13.41
CA LEU A 130 -6.09 6.49 12.87
CA LEU A 130 -6.08 6.50 12.87
C LEU A 130 -5.53 5.45 13.83
N GLN A 131 -5.47 5.79 15.11
CA GLN A 131 -5.02 4.83 16.12
C GLN A 131 -5.95 3.63 16.20
N ALA A 132 -7.26 3.86 16.14
CA ALA A 132 -8.22 2.77 16.29
C ALA A 132 -8.05 1.76 15.15
N ALA A 133 -7.87 2.25 13.93
CA ALA A 133 -7.73 1.36 12.78
C ALA A 133 -6.40 0.63 12.82
N THR A 134 -5.30 1.35 13.03
CA THR A 134 -3.98 0.74 12.97
C THR A 134 -3.74 -0.19 14.16
N ASN A 135 -4.12 0.24 15.36
CA ASN A 135 -4.03 -0.66 16.51
C ASN A 135 -4.96 -1.86 16.35
N GLY A 136 -6.04 -1.70 15.57
CA GLY A 136 -6.91 -2.79 15.21
C GLY A 136 -6.52 -3.51 13.94
N ASN A 137 -5.33 -3.25 13.40
CA ASN A 137 -4.80 -3.92 12.21
C ASN A 137 -5.82 -3.96 11.08
N THR A 138 -6.49 -2.82 10.86
CA THR A 138 -7.42 -2.62 9.76
C THR A 138 -6.94 -1.48 8.89
N LEU A 139 -7.06 -1.64 7.58
CA LEU A 139 -6.56 -0.64 6.65
C LEU A 139 -7.24 0.71 6.90
N PHE A 140 -6.44 1.73 7.15
CA PHE A 140 -6.95 3.06 7.41
C PHE A 140 -7.10 3.85 6.10
N ILE A 141 -8.26 4.46 5.92
CA ILE A 141 -8.62 5.24 4.75
C ILE A 141 -8.77 6.68 5.25
N ASN A 142 -7.74 7.49 5.02
CA ASN A 142 -7.65 8.85 5.55
C ASN A 142 -8.54 9.78 4.73
N ALA A 143 -9.67 10.19 5.32
CA ALA A 143 -10.62 11.05 4.64
C ALA A 143 -10.27 12.51 4.91
N THR A 144 -9.95 13.27 3.86
CA THR A 144 -9.40 14.61 4.01
C THR A 144 -10.26 15.67 3.37
N TRP A 145 -11.56 15.40 3.18
CA TRP A 145 -12.44 16.38 2.55
C TRP A 145 -12.92 17.46 3.52
N TYR A 146 -12.84 17.25 4.82
CA TYR A 146 -13.15 18.31 5.78
C TYR A 146 -11.90 18.96 6.34
N GLU A 147 -10.83 18.19 6.57
CA GLU A 147 -9.59 18.73 7.10
C GLU A 147 -8.42 18.16 6.29
N PRO A 148 -7.63 18.99 5.63
CA PRO A 148 -6.57 18.46 4.77
C PRO A 148 -5.43 17.86 5.57
N VAL A 149 -4.63 17.06 4.86
CA VAL A 149 -3.40 16.47 5.37
C VAL A 149 -2.30 16.73 4.34
N THR A 150 -1.17 17.27 4.79
CA THR A 150 -0.08 17.55 3.88
C THR A 150 1.14 16.65 4.09
N GLU A 151 1.23 15.97 5.23
CA GLU A 151 2.45 15.27 5.59
C GLU A 151 2.69 14.03 4.73
N TYR A 152 1.63 13.41 4.22
CA TYR A 152 1.82 12.17 3.46
C TYR A 152 0.59 11.92 2.61
N GLY A 153 0.74 10.99 1.68
CA GLY A 153 -0.30 10.67 0.71
C GLY A 153 -1.12 9.47 1.11
N PHE A 154 -1.50 8.67 0.12
CA PHE A 154 -2.50 7.62 0.28
C PHE A 154 -3.74 8.17 0.98
N GLN A 155 -4.13 9.39 0.60
CA GLN A 155 -5.31 10.05 1.13
C GLN A 155 -6.52 9.84 0.23
N PHE A 156 -7.69 10.26 0.72
CA PHE A 156 -8.94 10.17 -0.04
C PHE A 156 -9.68 11.50 0.13
N SER A 157 -9.62 12.33 -0.92
CA SER A 157 -10.01 13.73 -0.83
C SER A 157 -11.51 13.98 -0.90
N GLU A 158 -12.30 12.98 -1.27
CA GLU A 158 -13.76 13.09 -1.24
C GLU A 158 -14.34 11.69 -1.27
N PRO A 159 -15.60 11.53 -0.89
CA PRO A 159 -16.17 10.17 -0.81
C PRO A 159 -16.07 9.40 -2.11
N LYS A 160 -16.20 10.07 -3.26
CA LYS A 160 -16.09 9.41 -4.55
C LYS A 160 -14.78 8.65 -4.69
N GLU A 161 -13.71 9.14 -4.09
CA GLU A 161 -12.42 8.49 -4.23
C GLU A 161 -12.40 7.15 -3.51
N ILE A 162 -13.17 7.02 -2.42
CA ILE A 162 -13.30 5.72 -1.75
C ILE A 162 -14.03 4.73 -2.64
N ALA A 163 -15.12 5.16 -3.28
CA ALA A 163 -15.81 4.26 -4.21
C ALA A 163 -14.91 3.86 -5.37
N ARG A 164 -14.13 4.81 -5.89
CA ARG A 164 -13.19 4.53 -6.97
C ARG A 164 -12.18 3.47 -6.55
N PHE A 165 -11.60 3.66 -5.37
CA PHE A 165 -10.64 2.70 -4.81
C PHE A 165 -11.27 1.32 -4.67
N ILE A 166 -12.50 1.25 -4.14
CA ILE A 166 -13.12 -0.05 -3.92
C ILE A 166 -13.46 -0.70 -5.25
N ASP A 167 -14.12 0.04 -6.13
CA ASP A 167 -14.59 -0.53 -7.39
C ASP A 167 -13.43 -1.03 -8.25
N VAL A 168 -12.32 -0.29 -8.27
CA VAL A 168 -11.24 -0.61 -9.19
C VAL A 168 -10.35 -1.71 -8.62
N PHE A 169 -10.11 -1.70 -7.30
CA PHE A 169 -9.05 -2.51 -6.71
C PHE A 169 -9.50 -3.55 -5.70
N CYS A 170 -10.74 -3.53 -5.24
CA CYS A 170 -11.12 -4.36 -4.11
C CYS A 170 -12.22 -5.38 -4.38
N LEU A 171 -12.71 -5.49 -5.63
CA LEU A 171 -13.83 -6.37 -5.92
C LEU A 171 -13.50 -7.54 -6.85
N ARG A 172 -12.34 -7.55 -7.50
CA ARG A 172 -11.98 -8.65 -8.39
C ARG A 172 -11.16 -9.69 -7.64
N GLU A 173 -11.35 -10.96 -8.02
CA GLU A 173 -10.73 -12.05 -7.27
C GLU A 173 -9.21 -11.98 -7.32
N GLN A 174 -8.64 -11.58 -8.45
CA GLN A 174 -7.19 -11.55 -8.61
C GLN A 174 -6.63 -10.21 -8.17
N LEU A 175 -5.95 -10.19 -7.02
CA LEU A 175 -5.25 -9.02 -6.52
C LEU A 175 -3.86 -8.91 -7.09
N TRP A 176 -3.28 -10.00 -7.57
CA TRP A 176 -1.94 -10.02 -8.16
C TRP A 176 -2.02 -10.65 -9.55
N GLY A 177 -1.24 -10.11 -10.48
CA GLY A 177 -1.17 -10.71 -11.80
C GLY A 177 -0.21 -11.88 -11.89
N TRP A 178 0.70 -12.00 -10.92
CA TRP A 178 1.73 -13.02 -10.88
C TRP A 178 2.17 -13.13 -9.42
N GLN A 179 2.33 -14.36 -8.94
CA GLN A 179 2.75 -14.59 -7.57
C GLN A 179 3.27 -16.01 -7.43
N GLY A 180 4.30 -16.17 -6.63
CA GLY A 180 4.89 -17.48 -6.44
C GLY A 180 5.77 -17.49 -5.19
N HIS A 181 6.07 -18.69 -4.73
CA HIS A 181 6.84 -18.88 -3.52
C HIS A 181 7.91 -19.93 -3.77
N PHE A 182 8.92 -19.90 -2.90
CA PHE A 182 9.94 -20.94 -2.90
C PHE A 182 10.36 -21.18 -1.46
N ASN A 183 10.69 -22.43 -1.17
CA ASN A 183 11.08 -22.82 0.19
C ASN A 183 10.01 -22.26 1.11
N GLU A 184 10.39 -21.55 2.16
CA GLU A 184 9.45 -21.05 3.14
C GLU A 184 9.60 -19.57 3.41
N ASP A 185 10.69 -18.95 2.99
CA ASP A 185 10.96 -17.55 3.26
C ASP A 185 11.05 -16.73 1.99
N VAL A 186 10.63 -17.27 0.84
CA VAL A 186 10.70 -16.57 -0.44
C VAL A 186 9.28 -16.39 -0.97
N HIS A 187 8.85 -15.14 -1.10
CA HIS A 187 7.49 -14.81 -1.48
C HIS A 187 7.51 -13.66 -2.46
N TYR A 188 7.08 -13.92 -3.69
CA TYR A 188 7.13 -12.95 -4.78
C TYR A 188 5.73 -12.63 -5.25
N TYR A 189 5.49 -11.34 -5.50
CA TYR A 189 4.21 -10.84 -5.96
C TYR A 189 4.44 -9.74 -6.98
N ALA A 190 3.60 -9.69 -8.02
CA ALA A 190 3.60 -8.57 -8.96
C ALA A 190 2.18 -8.23 -9.35
N LEU A 191 1.92 -6.93 -9.48
CA LEU A 191 0.56 -6.48 -9.78
C LEU A 191 0.12 -6.89 -11.18
N ALA A 192 1.01 -6.81 -12.18
CA ALA A 192 0.62 -7.16 -13.53
C ALA A 192 1.78 -7.60 -14.39
N PRO A 193 1.58 -8.58 -15.27
CA PRO A 193 2.61 -8.88 -16.27
C PRO A 193 2.70 -7.76 -17.28
N PHE A 194 3.90 -7.55 -17.80
CA PHE A 194 4.11 -6.46 -18.75
C PHE A 194 5.32 -6.75 -19.60
N SER A 195 5.31 -6.21 -20.81
CA SER A 195 6.45 -6.32 -21.71
C SER A 195 7.44 -5.23 -21.37
N THR A 196 8.61 -5.61 -20.88
CA THR A 196 9.68 -4.67 -20.57
C THR A 196 10.89 -4.89 -21.46
N TYR A 197 10.87 -5.91 -22.32
CA TYR A 197 12.02 -6.26 -23.15
C TYR A 197 11.83 -5.66 -24.55
N VAL A 198 12.00 -4.34 -24.60
CA VAL A 198 12.03 -3.57 -25.83
C VAL A 198 12.95 -2.38 -25.58
N PRO A 199 13.81 -2.00 -26.54
CA PRO A 199 14.73 -0.88 -26.30
C PRO A 199 14.00 0.39 -25.89
N GLU A 200 12.72 0.50 -26.26
CA GLU A 200 11.95 1.71 -25.98
C GLU A 200 11.43 1.76 -24.54
N PHE A 201 11.33 0.62 -23.86
CA PHE A 201 10.62 0.59 -22.59
C PHE A 201 11.36 1.33 -21.49
N THR A 202 10.64 2.18 -20.78
CA THR A 202 11.13 2.81 -19.56
C THR A 202 9.91 3.08 -18.69
N MET A 203 10.09 2.96 -17.38
CA MET A 203 9.01 3.24 -16.45
C MET A 203 8.83 4.73 -16.19
N TYR A 204 9.73 5.58 -16.68
CA TYR A 204 9.74 7.00 -16.32
C TYR A 204 9.68 7.83 -17.59
N SER A 205 8.91 8.92 -17.51
CA SER A 205 8.64 9.74 -18.68
C SER A 205 9.94 10.26 -19.30
N ALA A 206 9.94 10.38 -20.62
CA ALA A 206 11.11 10.89 -21.33
C ALA A 206 11.25 12.40 -21.24
N ASN A 207 10.16 13.12 -20.99
CA ASN A 207 10.16 14.58 -20.95
C ASN A 207 9.89 15.06 -19.53
N ALA A 208 10.76 15.95 -19.03
CA ALA A 208 10.57 16.56 -17.73
C ALA A 208 9.52 17.67 -17.72
N ARG A 209 9.01 18.04 -18.89
CA ARG A 209 7.91 19.01 -18.96
C ARG A 209 6.56 18.36 -18.66
N ASP A 210 6.46 17.04 -18.73
CA ASP A 210 5.23 16.36 -18.39
C ASP A 210 5.02 16.39 -16.88
N LEU A 211 3.77 16.62 -16.46
CA LEU A 211 3.47 16.51 -15.04
C LEU A 211 3.41 15.05 -14.60
N ALA A 212 3.17 14.12 -15.53
CA ALA A 212 3.27 12.70 -15.24
C ALA A 212 4.73 12.26 -15.42
N LYS A 213 5.35 11.79 -14.34
CA LYS A 213 6.73 11.34 -14.40
C LYS A 213 6.86 9.83 -14.54
N LEU A 214 5.79 9.08 -14.27
CA LEU A 214 5.73 7.67 -14.62
C LEU A 214 5.22 7.54 -16.05
N SER A 215 5.81 6.61 -16.79
CA SER A 215 5.36 6.32 -18.15
C SER A 215 4.08 5.49 -18.17
N VAL A 216 3.80 4.75 -17.10
CA VAL A 216 2.64 3.88 -17.01
C VAL A 216 1.96 4.18 -15.68
N GLY A 217 0.69 4.56 -15.73
CA GLY A 217 -0.05 4.82 -14.51
C GLY A 217 0.33 6.15 -13.88
N SER A 218 0.11 6.23 -12.58
CA SER A 218 0.36 7.46 -11.82
C SER A 218 0.58 7.09 -10.37
N PRO A 219 1.14 7.99 -9.56
CA PRO A 219 1.34 7.66 -8.14
C PRO A 219 0.04 7.26 -7.43
N ASP A 220 -1.04 8.02 -7.63
CA ASP A 220 -2.32 7.68 -7.01
C ASP A 220 -2.75 6.28 -7.39
N PHE A 221 -2.72 5.98 -8.69
CA PHE A 221 -3.12 4.65 -9.17
C PHE A 221 -2.31 3.56 -8.50
N TRP A 222 -0.98 3.69 -8.50
CA TRP A 222 -0.13 2.60 -8.06
C TRP A 222 -0.17 2.42 -6.54
N ILE A 223 -0.28 3.52 -5.78
CA ILE A 223 -0.29 3.34 -4.33
C ILE A 223 -1.61 2.69 -3.90
N ARG A 224 -2.70 3.02 -4.59
CA ARG A 224 -3.99 2.42 -4.26
C ARG A 224 -4.05 0.97 -4.69
N TYR A 225 -3.52 0.65 -5.87
CA TYR A 225 -3.36 -0.75 -6.30
C TYR A 225 -2.55 -1.53 -5.27
N LEU A 226 -1.37 -1.03 -4.92
CA LEU A 226 -0.52 -1.69 -3.95
C LEU A 226 -1.25 -1.87 -2.63
N GLY A 227 -1.86 -0.79 -2.13
CA GLY A 227 -2.50 -0.86 -0.82
C GLY A 227 -3.60 -1.89 -0.77
N ALA A 228 -4.46 -1.90 -1.79
CA ALA A 228 -5.54 -2.88 -1.85
C ALA A 228 -5.00 -4.30 -1.93
N SER A 229 -4.06 -4.54 -2.84
CA SER A 229 -3.60 -5.91 -3.07
C SER A 229 -2.80 -6.42 -1.89
N ILE A 230 -2.00 -5.56 -1.27
CA ILE A 230 -1.23 -5.99 -0.11
C ILE A 230 -2.15 -6.28 1.06
N TYR A 231 -3.16 -5.44 1.28
CA TYR A 231 -4.02 -5.60 2.43
C TYR A 231 -4.91 -6.83 2.31
N PHE A 232 -5.64 -6.94 1.20
CA PHE A 232 -6.64 -8.00 1.08
C PHE A 232 -6.01 -9.36 0.79
N SER A 233 -4.73 -9.41 0.43
CA SER A 233 -4.01 -10.67 0.32
C SER A 233 -3.28 -11.04 1.61
N GLY A 234 -3.39 -10.21 2.66
CA GLY A 234 -2.82 -10.52 3.95
C GLY A 234 -1.38 -10.11 4.16
N LEU A 235 -0.72 -9.52 3.17
CA LEU A 235 0.70 -9.25 3.26
C LEU A 235 1.02 -8.14 4.26
N SER A 236 0.08 -7.23 4.49
CA SER A 236 0.32 -6.13 5.41
C SER A 236 0.29 -6.60 6.86
N GLU A 237 -0.29 -7.76 7.14
CA GLU A 237 -0.40 -8.26 8.50
C GLU A 237 0.97 -8.42 9.12
N GLY A 238 1.21 -7.71 10.21
CA GLY A 238 2.47 -7.81 10.91
C GLY A 238 3.65 -7.22 10.20
N ALA A 239 3.43 -6.42 9.16
CA ALA A 239 4.52 -5.78 8.45
C ALA A 239 4.99 -4.55 9.22
N SER A 240 6.28 -4.48 9.48
CA SER A 240 6.87 -3.36 10.20
C SER A 240 7.44 -2.29 9.28
N PHE A 241 7.93 -2.69 8.11
CA PHE A 241 8.62 -1.76 7.24
C PHE A 241 8.18 -1.95 5.79
N ILE A 242 8.20 -0.85 5.06
CA ILE A 242 8.12 -0.86 3.61
C ILE A 242 9.34 -0.12 3.08
N THR A 243 9.91 -0.62 1.99
CA THR A 243 11.08 0.01 1.40
C THR A 243 11.07 -0.23 -0.10
N THR A 244 11.81 0.61 -0.82
CA THR A 244 12.01 0.46 -2.24
C THR A 244 13.47 0.13 -2.52
N TYR A 245 13.71 -0.51 -3.65
CA TYR A 245 15.06 -0.79 -4.09
C TYR A 245 15.67 0.51 -4.63
N VAL A 246 16.92 0.42 -5.12
CA VAL A 246 17.68 1.57 -5.56
C VAL A 246 18.10 1.40 -7.01
N GLY A 247 18.16 2.52 -7.72
CA GLY A 247 18.58 2.52 -9.10
C GLY A 247 20.05 2.18 -9.26
N HIS A 248 20.44 1.95 -10.51
CA HIS A 248 21.80 1.49 -10.79
C HIS A 248 22.82 2.57 -10.53
N ASN A 249 22.44 3.84 -10.69
CA ASN A 249 23.37 4.96 -10.64
C ASN A 249 23.53 5.42 -9.19
N ALA A 250 24.76 5.38 -8.68
CA ALA A 250 25.00 5.82 -7.30
C ALA A 250 24.71 7.31 -7.14
N GLU A 251 24.72 8.07 -8.23
CA GLU A 251 24.42 9.50 -8.16
C GLU A 251 22.94 9.80 -8.22
N ASP A 252 22.10 8.83 -8.59
CA ASP A 252 20.67 9.04 -8.73
C ASP A 252 19.94 7.75 -8.40
N PRO A 253 20.04 7.25 -7.16
CA PRO A 253 19.54 5.93 -6.83
C PRO A 253 18.08 5.87 -6.41
N TYR A 254 17.41 7.01 -6.22
CA TYR A 254 16.11 7.04 -5.55
C TYR A 254 15.04 7.63 -6.47
N LYS A 255 15.10 7.29 -7.76
CA LYS A 255 14.16 7.85 -8.73
C LYS A 255 12.73 7.41 -8.43
N LEU A 256 12.51 6.09 -8.31
CA LEU A 256 11.17 5.63 -7.96
C LEU A 256 10.74 6.17 -6.61
N ALA A 257 11.64 6.09 -5.62
CA ALA A 257 11.28 6.49 -4.27
C ALA A 257 10.91 7.97 -4.21
N ASN A 258 11.59 8.81 -5.01
CA ASN A 258 11.29 10.23 -4.98
C ASN A 258 9.90 10.52 -5.55
N ILE A 259 9.48 9.79 -6.58
CA ILE A 259 8.14 9.95 -7.12
C ILE A 259 7.10 9.43 -6.13
N MET A 260 7.38 8.31 -5.46
CA MET A 260 6.38 7.61 -4.67
C MET A 260 6.50 7.83 -3.16
N GLU A 261 7.49 8.61 -2.71
CA GLU A 261 7.73 8.76 -1.28
C GLU A 261 6.47 9.26 -0.56
N HIS A 262 5.88 10.34 -1.07
CA HIS A 262 4.72 10.93 -0.40
C HIS A 262 3.64 9.87 -0.17
N ASP A 263 3.35 9.07 -1.19
CA ASP A 263 2.30 8.07 -1.07
C ASP A 263 2.75 6.85 -0.26
N LEU A 264 4.00 6.42 -0.38
CA LEU A 264 4.46 5.29 0.41
C LEU A 264 4.47 5.61 1.91
N LYS A 265 4.74 6.86 2.27
CA LYS A 265 4.63 7.24 3.67
C LYS A 265 3.21 7.05 4.17
N GLY A 266 2.22 7.41 3.35
CA GLY A 266 0.84 7.32 3.79
C GLY A 266 0.36 5.89 3.86
N LEU A 267 0.82 5.05 2.94
CA LEU A 267 0.50 3.63 3.01
C LEU A 267 1.15 2.99 4.24
N ALA A 268 2.39 3.38 4.55
CA ALA A 268 3.01 2.87 5.78
C ALA A 268 2.20 3.30 7.01
N VAL A 269 1.77 4.55 7.06
CA VAL A 269 0.96 5.01 8.18
C VAL A 269 -0.29 4.15 8.29
N SER A 270 -0.91 3.83 7.16
CA SER A 270 -2.16 3.06 7.17
C SER A 270 -1.98 1.62 7.61
N PHE A 271 -0.77 1.07 7.47
CA PHE A 271 -0.43 -0.28 7.92
C PHE A 271 0.19 -0.32 9.32
N LYS A 272 0.36 0.83 9.98
CA LYS A 272 1.11 0.93 11.22
C LYS A 272 2.56 0.50 11.02
N GLY A 273 3.13 0.87 9.87
CA GLY A 273 4.51 0.54 9.57
C GLY A 273 5.31 1.79 9.28
N LYS A 274 6.55 1.64 8.85
CA LYS A 274 7.41 2.76 8.56
C LYS A 274 8.02 2.58 7.17
N TYR A 275 8.00 3.64 6.37
CA TYR A 275 8.67 3.65 5.08
C TYR A 275 10.12 4.10 5.26
N LEU A 276 11.06 3.22 4.92
CA LEU A 276 12.50 3.49 4.99
C LEU A 276 12.93 3.73 3.55
N LYS A 277 13.00 5.00 3.17
CA LYS A 277 13.28 5.35 1.79
C LYS A 277 14.69 4.92 1.38
N ASP A 278 15.65 5.06 2.28
CA ASP A 278 17.05 4.82 1.97
C ASP A 278 17.62 3.71 2.82
N LEU A 279 16.82 2.66 3.07
CA LEU A 279 17.34 1.48 3.75
C LEU A 279 18.39 0.79 2.90
N PHE A 280 18.25 0.84 1.58
CA PHE A 280 19.29 0.36 0.66
C PHE A 280 20.14 1.52 0.18
N LEU A 281 21.45 1.25 0.09
CA LEU A 281 22.40 2.18 -0.49
C LEU A 281 23.00 1.58 -1.75
N ARG A 282 23.05 2.35 -2.81
CA ARG A 282 23.85 2.01 -3.99
C ARG A 282 25.19 2.72 -3.80
N HIS A 283 26.18 2.01 -3.26
CA HIS A 283 27.43 2.67 -2.92
C HIS A 283 28.35 2.83 -4.12
N THR A 284 28.14 2.05 -5.16
CA THR A 284 28.92 2.10 -6.39
C THR A 284 27.98 1.89 -7.56
N THR A 285 28.16 2.70 -8.60
CA THR A 285 27.30 2.58 -9.76
C THR A 285 27.41 1.18 -10.35
N ALA A 286 26.27 0.58 -10.65
CA ALA A 286 26.20 -0.78 -11.14
C ALA A 286 25.84 -0.80 -12.61
N ILE A 287 26.16 -1.93 -13.25
CA ILE A 287 25.64 -2.21 -14.57
C ILE A 287 24.13 -2.15 -14.53
N LYS A 288 23.54 -1.40 -15.44
CA LYS A 288 22.09 -1.32 -15.56
C LYS A 288 21.58 -2.64 -16.14
N SER A 289 20.79 -3.38 -15.37
CA SER A 289 20.39 -4.72 -15.81
C SER A 289 19.58 -4.65 -17.10
N GLN A 290 18.59 -3.75 -17.15
CA GLN A 290 17.79 -3.59 -18.36
C GLN A 290 18.68 -3.35 -19.57
N GLN A 291 19.67 -2.45 -19.41
CA GLN A 291 20.53 -2.14 -20.54
C GLN A 291 21.42 -3.32 -20.92
N ALA A 292 21.95 -4.04 -19.92
CA ALA A 292 22.71 -5.25 -20.25
C ALA A 292 21.86 -6.21 -21.07
N ARG A 293 20.59 -6.36 -20.70
CA ARG A 293 19.72 -7.31 -21.41
C ARG A 293 19.50 -6.87 -22.86
N ILE A 294 19.30 -5.57 -23.09
CA ILE A 294 19.09 -5.10 -24.46
C ILE A 294 20.38 -5.19 -25.27
N ALA A 295 21.53 -5.01 -24.60
CA ALA A 295 22.81 -5.32 -25.24
C ALA A 295 23.04 -6.82 -25.39
N LYS A 296 22.09 -7.64 -24.92
CA LYS A 296 22.17 -9.10 -25.00
C LYS A 296 23.40 -9.65 -24.30
N GLN A 297 23.77 -9.03 -23.18
CA GLN A 297 24.79 -9.54 -22.27
C GLN A 297 24.10 -10.10 -21.03
N GLU A 298 24.70 -11.13 -20.44
CA GLU A 298 24.09 -11.81 -19.30
C GLU A 298 24.19 -10.96 -18.05
N VAL A 299 23.10 -10.91 -17.29
CA VAL A 299 23.07 -10.23 -16.01
C VAL A 299 23.40 -11.23 -14.92
N ASN A 300 24.41 -10.92 -14.11
CA ASN A 300 24.79 -11.76 -12.96
C ASN A 300 24.46 -11.02 -11.67
N ILE A 301 23.94 -11.77 -10.69
CA ILE A 301 23.42 -11.14 -9.49
C ILE A 301 24.51 -10.46 -8.67
N THR A 302 25.77 -10.87 -8.83
CA THR A 302 26.82 -10.18 -8.09
C THR A 302 26.97 -8.72 -8.52
N SER A 303 26.50 -8.36 -9.72
CA SER A 303 26.54 -6.95 -10.09
C SER A 303 25.71 -6.11 -9.13
N GLN A 304 24.65 -6.69 -8.58
CA GLN A 304 23.85 -6.02 -7.57
C GLN A 304 24.41 -6.19 -6.17
N ILE A 305 24.69 -7.43 -5.78
CA ILE A 305 25.21 -7.70 -4.43
C ILE A 305 26.44 -6.85 -4.18
N ASN A 306 27.32 -6.73 -5.16
CA ASN A 306 28.60 -6.07 -4.93
C ASN A 306 28.53 -4.56 -4.97
N THR A 307 27.36 -3.98 -5.25
CA THR A 307 27.22 -2.54 -5.34
C THR A 307 26.16 -1.96 -4.40
N VAL A 308 25.51 -2.77 -3.58
CA VAL A 308 24.50 -2.27 -2.64
C VAL A 308 24.75 -2.88 -1.26
N ASN A 309 24.25 -2.21 -0.23
CA ASN A 309 24.15 -2.82 1.10
C ASN A 309 23.10 -2.06 1.88
N LEU A 310 22.81 -2.55 3.08
CA LEU A 310 21.86 -1.86 3.95
C LEU A 310 22.50 -0.62 4.57
N ASN A 311 21.76 0.48 4.55
CA ASN A 311 22.17 1.74 5.14
C ASN A 311 22.15 1.66 6.66
N PRO A 312 23.29 1.77 7.35
CA PRO A 312 23.26 1.73 8.81
C PRO A 312 22.60 2.95 9.44
N ALA A 313 22.43 4.04 8.69
CA ALA A 313 21.84 5.27 9.24
C ALA A 313 20.85 5.84 8.24
N PRO A 314 19.76 5.12 7.97
CA PRO A 314 18.71 5.67 7.12
C PRO A 314 18.02 6.83 7.83
N ILE A 315 17.21 7.56 7.05
CA ILE A 315 16.39 8.62 7.61
C ILE A 315 15.30 8.01 8.48
N LYS A 316 15.26 8.42 9.76
CA LYS A 316 14.21 8.00 10.68
C LYS A 316 13.03 8.95 10.63
N ASN A 317 13.29 10.24 10.43
CA ASN A 317 12.28 11.29 10.44
C ASN A 317 12.31 11.95 9.08
N LEU A 318 11.40 11.53 8.19
CA LEU A 318 11.37 12.06 6.84
C LEU A 318 10.96 13.52 6.79
N ILE A 319 10.42 14.07 7.88
CA ILE A 319 10.16 15.50 7.97
C ILE A 319 11.44 16.25 8.33
N THR A 320 12.13 15.79 9.37
CA THR A 320 13.29 16.47 9.94
C THR A 320 14.59 16.10 9.24
N GLY A 321 14.65 14.92 8.63
CA GLY A 321 15.90 14.41 8.13
C GLY A 321 16.76 13.72 9.16
N GLU A 322 16.30 13.64 10.42
CA GLU A 322 17.05 12.93 11.44
C GLU A 322 17.26 11.48 11.02
N ARG A 323 18.50 11.01 11.15
CA ARG A 323 18.84 9.63 10.81
C ARG A 323 18.85 8.76 12.06
N TYR A 324 18.63 7.47 11.85
CA TYR A 324 18.88 6.50 12.91
C TYR A 324 20.31 6.64 13.40
N THR A 325 20.51 6.54 14.71
CA THR A 325 21.87 6.55 15.27
C THR A 325 22.48 5.17 15.33
N ASN A 326 21.67 4.13 15.45
CA ASN A 326 22.09 2.74 15.28
C ASN A 326 21.25 2.11 14.19
N PRO A 327 21.76 1.09 13.50
CA PRO A 327 20.99 0.48 12.41
C PRO A 327 19.59 0.12 12.86
N PRO A 328 18.57 0.29 12.00
CA PRO A 328 17.22 -0.14 12.37
C PRO A 328 17.19 -1.60 12.80
N LYS A 329 16.27 -1.90 13.72
CA LYS A 329 16.10 -3.26 14.25
C LYS A 329 15.23 -4.06 13.30
N LEU A 330 15.85 -4.91 12.48
CA LEU A 330 15.12 -5.70 11.50
C LEU A 330 14.94 -7.15 11.90
N LYS A 331 15.67 -7.62 12.91
CA LYS A 331 15.59 -9.03 13.30
C LYS A 331 14.16 -9.39 13.68
N GLY A 332 13.64 -10.43 13.04
CA GLY A 332 12.28 -10.86 13.27
C GLY A 332 11.20 -9.96 12.74
N LYS A 333 11.56 -8.92 11.98
CA LYS A 333 10.61 -7.97 11.44
C LYS A 333 10.25 -8.32 10.00
N LYS A 334 9.00 -8.05 9.63
CA LYS A 334 8.50 -8.31 8.28
C LYS A 334 8.63 -7.05 7.44
N ILE A 335 9.25 -7.16 6.27
CA ILE A 335 9.55 -6.02 5.43
C ILE A 335 8.97 -6.25 4.05
N LEU A 336 8.22 -5.27 3.55
CA LEU A 336 7.71 -5.28 2.19
C LEU A 336 8.67 -4.51 1.30
N VAL A 337 9.26 -5.20 0.32
CA VAL A 337 10.22 -4.61 -0.60
C VAL A 337 9.52 -4.37 -1.92
N ILE A 338 9.53 -3.12 -2.38
CA ILE A 338 8.86 -2.72 -3.62
C ILE A 338 9.90 -2.33 -4.65
N ASP A 339 9.74 -2.85 -5.88
CA ASP A 339 10.51 -2.38 -7.03
C ASP A 339 9.55 -2.23 -8.20
N ASP A 340 10.00 -1.53 -9.25
CA ASP A 340 9.09 -1.21 -10.35
C ASP A 340 8.80 -2.43 -11.21
N PHE A 341 9.83 -3.13 -11.69
CA PHE A 341 9.54 -4.38 -12.39
C PHE A 341 10.60 -5.44 -12.09
N CYS A 342 10.16 -6.70 -12.17
CA CYS A 342 10.96 -7.86 -11.85
C CYS A 342 11.13 -8.70 -13.11
N THR A 343 12.38 -8.95 -13.49
CA THR A 343 12.66 -9.73 -14.69
C THR A 343 13.13 -11.12 -14.28
N GLU A 344 14.41 -11.26 -13.91
CA GLU A 344 14.93 -12.54 -13.43
C GLU A 344 15.23 -12.55 -11.94
N GLY A 345 14.94 -11.46 -11.23
CA GLY A 345 15.03 -11.44 -9.78
C GLY A 345 16.36 -10.99 -9.22
N ASN A 346 17.26 -10.50 -10.05
CA ASN A 346 18.56 -10.06 -9.53
C ASN A 346 18.39 -9.01 -8.45
N ALA A 347 17.52 -8.02 -8.70
CA ALA A 347 17.32 -6.94 -7.74
C ALA A 347 16.63 -7.45 -6.49
N HIS A 348 15.50 -8.14 -6.65
CA HIS A 348 14.76 -8.59 -5.48
C HIS A 348 15.53 -9.63 -4.68
N GLU A 349 16.27 -10.52 -5.35
CA GLU A 349 17.02 -11.52 -4.62
C GLU A 349 18.18 -10.90 -3.84
N THR A 350 18.75 -9.81 -4.37
CA THR A 350 19.78 -9.08 -3.64
C THR A 350 19.18 -8.34 -2.45
N ALA A 351 18.05 -7.68 -2.67
CA ALA A 351 17.34 -7.07 -1.54
C ALA A 351 17.03 -8.10 -0.47
N ARG A 352 16.54 -9.28 -0.89
CA ARG A 352 16.19 -10.31 0.07
C ARG A 352 17.42 -10.87 0.78
N MET A 353 18.51 -11.08 0.03
CA MET A 353 19.74 -11.58 0.62
C MET A 353 20.23 -10.69 1.77
N TYR A 354 20.28 -9.38 1.53
CA TYR A 354 20.74 -8.46 2.57
C TYR A 354 19.77 -8.42 3.75
N LEU A 355 18.47 -8.30 3.48
CA LEU A 355 17.52 -8.19 4.58
C LEU A 355 17.44 -9.49 5.38
N LYS A 356 17.45 -10.63 4.69
CA LYS A 356 17.47 -11.91 5.39
C LYS A 356 18.74 -12.04 6.25
N ALA A 357 19.88 -11.57 5.76
CA ALA A 357 21.10 -11.61 6.56
C ALA A 357 20.97 -10.76 7.81
N ALA A 358 20.13 -9.73 7.76
CA ALA A 358 19.87 -8.89 8.92
C ALA A 358 18.77 -9.45 9.80
N GLY A 359 18.25 -10.63 9.48
CA GLY A 359 17.27 -11.29 10.32
C GLY A 359 15.82 -11.01 9.96
N ALA A 360 15.56 -10.32 8.85
CA ALA A 360 14.20 -9.95 8.51
C ALA A 360 13.51 -11.07 7.75
N ASN A 361 12.17 -11.00 7.76
CA ASN A 361 11.31 -11.76 6.88
C ASN A 361 10.90 -10.85 5.73
N VAL A 362 10.98 -11.33 4.50
CA VAL A 362 10.95 -10.46 3.32
C VAL A 362 9.83 -10.85 2.38
N ILE A 363 9.13 -9.85 1.88
CA ILE A 363 8.14 -10.01 0.81
C ILE A 363 8.61 -9.16 -0.35
N ASN A 364 8.76 -9.79 -1.51
CA ASN A 364 9.31 -9.13 -2.70
C ASN A 364 8.17 -8.80 -3.66
N ILE A 365 7.83 -7.51 -3.75
CA ILE A 365 6.68 -7.03 -4.50
C ILE A 365 7.18 -6.15 -5.66
N SER A 366 6.55 -6.29 -6.81
CA SER A 366 6.84 -5.45 -7.96
C SER A 366 5.56 -4.96 -8.59
N TRP A 367 5.61 -3.77 -9.21
CA TRP A 367 4.46 -3.34 -10.00
C TRP A 367 4.25 -4.29 -11.18
N LEU A 368 5.31 -4.58 -11.93
CA LEU A 368 5.23 -5.35 -13.15
C LEU A 368 6.12 -6.59 -13.06
N LYS A 369 5.66 -7.67 -13.67
CA LYS A 369 6.46 -8.87 -13.88
C LYS A 369 6.77 -8.99 -15.38
N THR A 370 8.05 -8.95 -15.72
CA THR A 370 8.47 -9.10 -17.11
C THR A 370 7.92 -10.41 -17.68
N ILE A 371 7.28 -10.30 -18.84
CA ILE A 371 6.68 -11.47 -19.47
C ILE A 371 7.75 -12.48 -19.83
N ASN A 372 7.47 -13.76 -19.52
CA ASN A 372 8.21 -14.90 -20.05
C ASN A 372 9.66 -14.93 -19.58
N ARG A 373 9.90 -14.45 -18.37
CA ARG A 373 11.21 -14.56 -17.75
C ARG A 373 11.02 -15.13 -16.35
N ASP A 374 11.74 -16.22 -16.06
CA ASP A 374 11.66 -16.86 -14.76
C ASP A 374 12.59 -16.19 -13.76
N VAL A 375 12.26 -16.31 -12.48
CA VAL A 375 13.04 -15.72 -11.39
C VAL A 375 13.91 -16.81 -10.79
N SER A 376 15.22 -16.55 -10.72
CA SER A 376 16.17 -17.49 -10.13
C SER A 376 16.38 -17.15 -8.66
N ILE A 377 16.09 -18.11 -7.78
CA ILE A 377 16.22 -17.94 -6.34
C ILE A 377 17.66 -18.29 -5.94
N CYS A 378 18.31 -17.38 -5.20
CA CYS A 378 19.72 -17.46 -4.86
C CYS A 378 19.92 -17.40 -3.35
N GLU A 379 20.96 -18.09 -2.86
CA GLU A 379 21.38 -17.99 -1.47
C GLU A 379 22.90 -17.86 -1.48
N PRO A 380 23.47 -17.01 -0.63
CA PRO A 380 24.93 -16.85 -0.62
C PRO A 380 25.61 -17.99 0.13
N THR A 381 26.77 -18.41 -0.38
CA THR A 381 27.64 -19.36 0.31
C THR A 381 28.72 -18.67 1.15
N ARG A 382 28.92 -17.38 0.94
CA ARG A 382 29.74 -16.54 1.81
C ARG A 382 28.83 -15.75 2.72
N LYS A 383 29.14 -15.73 4.02
CA LYS A 383 28.32 -15.01 4.98
C LYS A 383 28.26 -13.52 4.62
N ILE A 384 27.05 -12.99 4.58
CA ILE A 384 26.82 -11.59 4.23
C ILE A 384 26.88 -10.76 5.50
N ARG A 385 27.60 -9.66 5.46
CA ARG A 385 27.59 -8.65 6.52
C ARG A 385 26.76 -7.49 5.99
N PRO A 386 25.45 -7.47 6.26
CA PRO A 386 24.55 -6.65 5.43
C PRO A 386 24.66 -5.14 5.63
N TRP A 387 25.24 -4.67 6.72
CA TRP A 387 25.32 -3.24 6.99
C TRP A 387 26.58 -2.60 6.42
N GLU A 388 27.32 -3.33 5.60
CA GLU A 388 28.54 -2.82 4.97
C GLU A 388 28.62 -3.36 3.55
N ALA A 389 29.59 -2.86 2.81
CA ALA A 389 29.81 -3.33 1.45
C ALA A 389 30.31 -4.77 1.47
N ASN A 390 29.71 -5.60 0.61
CA ASN A 390 30.13 -6.98 0.41
C ASN A 390 30.56 -7.16 -1.03
N THR A 391 31.56 -8.02 -1.23
CA THR A 391 32.04 -8.36 -2.56
C THR A 391 32.06 -9.88 -2.66
N LEU A 392 31.20 -10.41 -3.51
CA LEU A 392 31.06 -11.84 -3.72
C LEU A 392 31.57 -12.23 -5.10
N ASP A 393 32.14 -13.42 -5.19
CA ASP A 393 32.49 -14.04 -6.45
C ASP A 393 31.27 -14.74 -7.02
N VAL A 394 31.24 -14.89 -8.35
CA VAL A 394 30.11 -15.59 -8.95
C VAL A 394 29.97 -16.98 -8.36
N ASP A 395 31.07 -17.58 -7.90
CA ASP A 395 31.02 -18.89 -7.28
C ASP A 395 30.48 -18.86 -5.85
N ASP A 396 30.23 -17.68 -5.29
CA ASP A 396 29.66 -17.56 -3.96
C ASP A 396 28.13 -17.60 -3.96
N ILE A 397 27.52 -17.87 -5.11
CA ILE A 397 26.07 -17.87 -5.27
C ILE A 397 25.59 -19.31 -5.43
N ASN A 398 24.65 -19.72 -4.58
CA ASN A 398 23.98 -21.00 -4.70
C ASN A 398 22.62 -20.77 -5.35
N TYR A 399 22.43 -21.27 -6.57
CA TYR A 399 21.15 -21.16 -7.27
C TYR A 399 20.29 -22.34 -6.81
N VAL A 400 19.31 -22.05 -5.95
CA VAL A 400 18.59 -23.12 -5.25
C VAL A 400 17.27 -23.47 -5.92
N GLY A 401 16.73 -22.63 -6.77
CA GLY A 401 15.45 -22.94 -7.37
C GLY A 401 14.95 -21.82 -8.24
N THR A 402 13.70 -21.99 -8.68
CA THR A 402 13.09 -21.08 -9.64
C THR A 402 11.65 -20.79 -9.24
N ILE A 403 11.24 -19.55 -9.42
CA ILE A 403 9.83 -19.16 -9.42
C ILE A 403 9.50 -18.81 -10.86
N GLY A 404 8.82 -19.73 -11.56
CA GLY A 404 8.63 -19.57 -12.98
C GLY A 404 7.64 -18.48 -13.33
N TYR A 405 7.77 -18.00 -14.56
CA TYR A 405 6.81 -17.04 -15.07
C TYR A 405 5.46 -17.70 -15.33
N ALA A 406 5.46 -18.67 -16.25
CA ALA A 406 4.21 -19.15 -16.84
C ALA A 406 3.26 -19.74 -15.81
N GLU A 407 3.77 -20.60 -14.92
CA GLU A 407 2.85 -21.30 -14.05
C GLU A 407 2.31 -20.43 -12.91
N ASN A 408 2.85 -19.22 -12.75
CA ASN A 408 2.45 -18.36 -11.64
C ASN A 408 1.70 -17.12 -12.08
N VAL A 409 1.47 -16.94 -13.38
CA VAL A 409 0.53 -15.94 -13.86
C VAL A 409 -0.87 -16.30 -13.39
N THR A 410 -1.57 -15.33 -12.81
CA THR A 410 -2.89 -15.61 -12.24
C THR A 410 -3.97 -15.53 -13.31
N HIS A 411 -5.06 -16.26 -13.08
CA HIS A 411 -6.11 -16.40 -14.07
C HIS A 411 -6.61 -15.06 -14.57
N GLY A 412 -6.60 -14.88 -15.90
CA GLY A 412 -7.10 -13.68 -16.53
C GLY A 412 -6.13 -12.52 -16.57
N SER A 413 -4.93 -12.66 -16.00
CA SER A 413 -4.00 -11.53 -15.92
C SER A 413 -3.26 -11.37 -17.24
N ALA A 414 -3.01 -10.12 -17.61
CA ALA A 414 -2.41 -9.82 -18.91
C ALA A 414 -2.02 -8.37 -18.95
N PRO A 415 -1.03 -7.99 -19.77
CA PRO A 415 -0.65 -6.57 -19.84
C PRO A 415 -1.80 -5.68 -20.27
N GLN A 416 -2.62 -6.14 -21.23
CA GLN A 416 -3.76 -5.34 -21.65
C GLN A 416 -4.72 -5.12 -20.50
N VAL A 417 -4.81 -6.08 -19.57
CA VAL A 417 -5.70 -5.92 -18.43
C VAL A 417 -5.23 -4.78 -17.54
N LEU A 418 -3.90 -4.63 -17.38
CA LEU A 418 -3.38 -3.47 -16.67
C LEU A 418 -3.74 -2.17 -17.38
N SER A 419 -3.57 -2.15 -18.71
CA SER A 419 -3.89 -0.93 -19.44
C SER A 419 -5.36 -0.55 -19.25
N GLU A 420 -6.26 -1.52 -19.27
CA GLU A 420 -7.67 -1.20 -19.09
C GLU A 420 -8.00 -0.84 -17.66
N LYS A 421 -7.27 -1.40 -16.69
CA LYS A 421 -7.44 -0.97 -15.31
C LYS A 421 -7.07 0.49 -15.14
N ILE A 422 -5.95 0.91 -15.75
CA ILE A 422 -5.55 2.30 -15.68
C ILE A 422 -6.60 3.20 -16.33
N GLN A 423 -7.13 2.78 -17.48
CA GLN A 423 -8.20 3.55 -18.11
C GLN A 423 -9.44 3.58 -17.23
N GLN A 424 -9.83 2.44 -16.68
CA GLN A 424 -10.98 2.39 -15.77
C GLN A 424 -10.77 3.34 -14.59
N TYR A 425 -9.57 3.36 -14.02
CA TYR A 425 -9.29 4.22 -12.88
C TYR A 425 -9.30 5.70 -13.27
N ASP A 426 -8.56 6.05 -14.34
CA ASP A 426 -8.42 7.44 -14.72
C ASP A 426 -9.76 8.10 -15.04
N ASN A 427 -10.66 7.35 -15.66
CA ASN A 427 -11.93 7.89 -16.14
C ASN A 427 -13.08 7.52 -15.22
N TRP A 428 -12.79 7.10 -13.98
CA TRP A 428 -13.82 6.52 -13.15
C TRP A 428 -14.88 7.55 -12.80
N ASP A 429 -16.14 7.11 -12.82
CA ASP A 429 -17.26 7.90 -12.36
C ASP A 429 -18.26 6.94 -11.74
N TRP A 430 -19.16 7.50 -10.93
CA TRP A 430 -20.21 6.73 -10.31
C TRP A 430 -20.87 5.81 -11.34
N PRO A 431 -20.78 4.47 -11.18
CA PRO A 431 -21.33 3.57 -12.21
C PRO A 431 -22.79 3.82 -12.51
N GLN A 432 -23.10 4.24 -13.72
CA GLN A 432 -24.49 4.47 -14.12
C GLN A 432 -24.98 3.36 -15.03
#